data_8A32
#
_entry.id   8A32
#
_cell.length_a   65.119
_cell.length_b   71.072
_cell.length_c   105.315
_cell.angle_alpha   90.000
_cell.angle_beta   90.000
_cell.angle_gamma   90.000
#
_symmetry.space_group_name_H-M   'P 21 21 21'
#
loop_
_entity.id
_entity.type
_entity.pdbx_description
1 polymer 'Cellular tumor antigen p53'
2 non-polymer '4-[3,4-bis(fluoranyl)pyrrol-1-yl]-3,5-bis(iodanyl)-2-oxidanyl-benzoic acid'
3 non-polymer 1,2-ETHANEDIOL
4 non-polymer 'ZINC ION'
5 non-polymer GLYCEROL
6 water water
#
_entity_poly.entity_id   1
_entity_poly.type   'polypeptide(L)'
_entity_poly.pdbx_seq_one_letter_code
;SSSVPSQKTYQGSYGFRLGFLHSGTAKSVTCTYSPALNKLFCQLAKTCPVQLWVDSTPPPGTRVRAMAIYKQSQHMTEVV
RRCPHHERCSDSDGLAPPQHLIRVEGNLRAEYLDDRNTFRHSVVVPCEPPEVGSDCTTIHYNYMCYSSCMGGMNRRPILT
IITLEDSSGNLLGRDSFEVRVCACPGRDRRTEEENLRKKGEPHHELPPGSTKRALPNNT
;
_entity_poly.pdbx_strand_id   A,B
#
loop_
_chem_comp.id
_chem_comp.type
_chem_comp.name
_chem_comp.formula
EDO non-polymer 1,2-ETHANEDIOL 'C2 H6 O2'
GOL non-polymer GLYCEROL 'C3 H8 O3'
KVA non-polymer '4-[3,4-bis(fluoranyl)pyrrol-1-yl]-3,5-bis(iodanyl)-2-oxidanyl-benzoic acid' 'C11 H5 F2 I2 N O3'
ZN non-polymer 'ZINC ION' 'Zn 2'
#
# COMPACT_ATOMS: atom_id res chain seq x y z
N SER A 3 -4.84 -12.54 3.97
N SER A 3 -2.82 -13.66 5.31
CA SER A 3 -4.03 -12.64 5.17
CA SER A 3 -3.86 -12.68 5.04
C SER A 3 -3.50 -11.28 5.58
C SER A 3 -3.44 -11.29 5.54
N VAL A 4 -3.79 -10.28 4.76
CA VAL A 4 -3.44 -8.89 5.06
C VAL A 4 -4.62 -7.98 4.73
N PRO A 5 -5.12 -7.21 5.69
CA PRO A 5 -6.23 -6.29 5.40
C PRO A 5 -5.79 -5.18 4.45
N SER A 6 -6.71 -4.77 3.59
CA SER A 6 -6.42 -3.68 2.66
C SER A 6 -6.27 -2.36 3.42
N GLN A 7 -5.38 -1.52 2.93
CA GLN A 7 -5.24 -0.16 3.43
C GLN A 7 -5.56 0.89 2.38
N LYS A 8 -6.23 0.51 1.29
CA LYS A 8 -6.50 1.44 0.20
C LYS A 8 -7.53 2.48 0.65
N THR A 9 -7.18 3.75 0.51
CA THR A 9 -8.14 4.80 0.84
C THR A 9 -9.33 4.71 -0.11
N TYR A 10 -10.53 4.74 0.45
CA TYR A 10 -11.75 4.55 -0.33
C TYR A 10 -12.85 5.39 0.29
N GLN A 11 -13.20 6.50 -0.36
CA GLN A 11 -14.27 7.33 0.20
C GLN A 11 -15.64 6.68 0.08
N GLY A 12 -15.88 5.93 -0.99
CA GLY A 12 -17.17 5.26 -1.15
C GLY A 12 -18.31 6.22 -1.43
N SER A 13 -19.52 5.66 -1.40
CA SER A 13 -20.72 6.38 -1.78
C SER A 13 -21.03 7.54 -0.83
N TYR A 14 -20.56 7.47 0.41
CA TYR A 14 -20.91 8.46 1.41
C TYR A 14 -19.84 9.53 1.58
N GLY A 15 -18.73 9.45 0.82
CA GLY A 15 -17.65 10.41 0.92
C GLY A 15 -16.97 10.37 2.28
N PHE A 16 -16.63 9.16 2.74
CA PHE A 16 -16.10 8.94 4.08
C PHE A 16 -14.61 9.26 4.15
N ARG A 17 -14.22 10.06 5.15
CA ARG A 17 -12.79 10.30 5.39
C ARG A 17 -12.60 10.75 6.84
N LEU A 18 -11.35 10.65 7.31
CA LEU A 18 -11.02 11.02 8.68
C LEU A 18 -10.65 12.49 8.79
N GLY A 19 -10.64 12.99 10.03
CA GLY A 19 -10.12 14.32 10.31
C GLY A 19 -9.42 14.30 11.64
N PHE A 20 -8.46 15.21 11.80
CA PHE A 20 -7.67 15.27 13.01
C PHE A 20 -7.59 16.70 13.51
N LEU A 21 -7.54 16.86 14.83
CA LEU A 21 -7.37 18.18 15.42
C LEU A 21 -5.96 18.70 15.16
N HIS A 22 -5.76 19.98 15.48
CA HIS A 22 -4.45 20.62 15.33
C HIS A 22 -3.95 20.94 16.73
N SER A 23 -3.22 19.99 17.31
N SER A 23 -3.24 19.99 17.34
CA SER A 23 -2.82 20.06 18.71
CA SER A 23 -2.85 20.16 18.73
C SER A 23 -1.42 20.61 18.92
C SER A 23 -1.45 20.72 18.91
N GLY A 24 -0.65 20.82 17.86
CA GLY A 24 0.69 21.38 17.99
C GLY A 24 1.72 20.37 18.47
N THR A 25 2.93 20.88 18.72
CA THR A 25 4.07 20.00 19.01
C THR A 25 4.79 20.37 20.29
N ALA A 26 4.09 21.02 21.22
CA ALA A 26 4.69 21.34 22.50
C ALA A 26 5.09 20.08 23.24
N LYS A 27 6.14 20.19 24.05
CA LYS A 27 6.64 19.03 24.80
C LYS A 27 5.54 18.36 25.61
N SER A 28 4.53 19.12 26.02
CA SER A 28 3.46 18.63 26.89
C SER A 28 2.32 17.95 26.15
N VAL A 29 2.28 18.00 24.82
CA VAL A 29 1.12 17.50 24.10
C VAL A 29 1.04 15.98 24.23
N THR A 30 -0.18 15.45 24.34
CA THR A 30 -0.37 14.02 24.57
C THR A 30 -0.80 13.27 23.32
N CYS A 31 -1.23 13.99 22.28
CA CYS A 31 -1.67 13.39 21.03
C CYS A 31 -1.54 14.48 19.98
N THR A 32 -0.89 14.17 18.87
CA THR A 32 -0.74 15.18 17.81
C THR A 32 -0.60 14.48 16.47
N TYR A 33 -1.22 15.04 15.45
CA TYR A 33 -1.28 14.45 14.13
C TYR A 33 -0.44 15.26 13.14
N SER A 34 0.36 14.54 12.34
CA SER A 34 1.18 15.14 11.30
C SER A 34 0.55 14.91 9.94
N PRO A 35 -0.03 15.94 9.30
CA PRO A 35 -0.50 15.73 7.92
C PRO A 35 0.59 15.36 6.95
N ALA A 36 1.79 15.95 7.10
CA ALA A 36 2.85 15.68 6.15
C ALA A 36 3.29 14.22 6.18
N LEU A 37 3.20 13.57 7.34
CA LEU A 37 3.58 12.17 7.50
C LEU A 37 2.39 11.24 7.51
N ASN A 38 1.17 11.76 7.49
CA ASN A 38 -0.06 11.01 7.78
C ASN A 38 0.15 10.09 8.98
N LYS A 39 0.54 10.69 10.09
CA LYS A 39 0.99 9.93 11.23
C LYS A 39 0.52 10.58 12.52
N LEU A 40 -0.13 9.79 13.37
CA LEU A 40 -0.54 10.22 14.70
C LEU A 40 0.53 9.82 15.69
N PHE A 41 0.91 10.75 16.57
CA PHE A 41 1.84 10.50 17.66
C PHE A 41 1.08 10.69 18.96
N CYS A 42 1.14 9.68 19.84
CA CYS A 42 0.38 9.78 21.09
C CYS A 42 1.11 9.08 22.22
N GLN A 43 0.77 9.50 23.43
CA GLN A 43 1.24 8.85 24.64
C GLN A 43 0.40 7.61 24.93
N LEU A 44 0.96 6.75 25.76
CA LEU A 44 0.34 5.49 26.13
C LEU A 44 -0.99 5.73 26.84
N ALA A 45 -2.06 5.09 26.32
CA ALA A 45 -3.38 5.08 26.95
C ALA A 45 -4.04 6.46 27.04
N LYS A 46 -3.61 7.43 26.25
CA LYS A 46 -4.21 8.75 26.31
C LYS A 46 -5.24 8.91 25.18
N THR A 47 -6.14 9.88 25.37
CA THR A 47 -7.24 10.08 24.44
C THR A 47 -6.71 10.52 23.07
N CYS A 48 -7.14 9.83 22.02
CA CYS A 48 -6.82 10.19 20.64
C CYS A 48 -8.11 10.51 19.90
N PRO A 49 -8.47 11.78 19.72
CA PRO A 49 -9.71 12.12 18.99
C PRO A 49 -9.51 11.95 17.50
N VAL A 50 -10.38 11.15 16.89
CA VAL A 50 -10.37 10.95 15.45
C VAL A 50 -11.75 11.36 14.93
N GLN A 51 -11.79 12.32 14.02
CA GLN A 51 -13.04 12.77 13.43
C GLN A 51 -13.43 11.89 12.25
N LEU A 52 -14.73 11.69 12.10
CA LEU A 52 -15.30 11.02 10.95
C LEU A 52 -16.12 12.05 10.19
N TRP A 53 -15.89 12.14 8.87
CA TRP A 53 -16.56 13.11 8.00
C TRP A 53 -17.19 12.35 6.85
N VAL A 54 -18.39 12.76 6.45
CA VAL A 54 -19.08 12.20 5.29
C VAL A 54 -19.71 13.34 4.49
N ASP A 55 -19.95 13.05 3.21
CA ASP A 55 -20.73 13.97 2.38
C ASP A 55 -22.23 13.70 2.45
N SER A 56 -22.62 12.48 2.78
CA SER A 56 -24.03 12.13 2.91
C SER A 56 -24.18 11.08 4.01
N THR A 57 -25.39 10.98 4.55
CA THR A 57 -25.60 10.19 5.76
C THR A 57 -25.69 8.71 5.41
N PRO A 58 -24.92 7.85 6.05
CA PRO A 58 -25.03 6.41 5.80
C PRO A 58 -26.25 5.82 6.48
N PRO A 59 -26.68 4.64 6.06
CA PRO A 59 -27.92 4.06 6.58
C PRO A 59 -27.83 3.73 8.06
N PRO A 60 -28.97 3.65 8.74
CA PRO A 60 -28.97 3.13 10.12
C PRO A 60 -28.36 1.74 10.16
N GLY A 61 -27.52 1.50 11.16
CA GLY A 61 -26.83 0.24 11.27
C GLY A 61 -25.42 0.24 10.71
N THR A 62 -25.00 1.33 10.06
CA THR A 62 -23.62 1.47 9.65
C THR A 62 -22.72 1.53 10.88
N ARG A 63 -21.52 0.96 10.78
CA ARG A 63 -20.55 0.91 11.87
C ARG A 63 -19.17 1.36 11.40
N VAL A 64 -18.31 1.70 12.35
CA VAL A 64 -16.95 2.16 12.08
CA VAL A 64 -16.96 2.12 12.06
C VAL A 64 -15.99 1.28 12.89
N ARG A 65 -15.07 0.62 12.19
CA ARG A 65 -14.15 -0.33 12.80
C ARG A 65 -12.73 0.20 12.72
N ALA A 66 -11.95 -0.04 13.77
CA ALA A 66 -10.53 0.27 13.81
C ALA A 66 -9.71 -0.99 13.99
N MET A 67 -8.60 -1.10 13.27
CA MET A 67 -7.73 -2.26 13.32
C MET A 67 -6.30 -1.78 13.06
N ALA A 68 -5.33 -2.38 13.75
CA ALA A 68 -3.93 -2.07 13.53
C ALA A 68 -3.26 -3.16 12.71
N ILE A 69 -2.37 -2.75 11.79
CA ILE A 69 -1.49 -3.69 11.10
C ILE A 69 -0.07 -3.12 11.15
N TYR A 70 0.91 -4.02 11.02
CA TYR A 70 2.28 -3.55 10.85
C TYR A 70 2.44 -2.91 9.47
N LYS A 71 3.22 -1.82 9.43
CA LYS A 71 3.38 -1.05 8.21
C LYS A 71 4.36 -1.73 7.24
N GLN A 72 5.40 -2.36 7.76
CA GLN A 72 6.42 -2.96 6.90
C GLN A 72 5.92 -4.29 6.35
N SER A 73 6.13 -4.52 5.05
CA SER A 73 5.55 -5.67 4.38
C SER A 73 5.98 -6.99 5.02
N GLN A 74 7.24 -7.06 5.48
CA GLN A 74 7.74 -8.31 6.03
C GLN A 74 7.14 -8.63 7.39
N HIS A 75 6.35 -7.73 7.98
CA HIS A 75 5.66 -8.00 9.24
C HIS A 75 4.15 -7.93 9.11
N MET A 76 3.63 -7.67 7.91
CA MET A 76 2.22 -7.34 7.82
CA MET A 76 2.21 -7.36 7.75
C MET A 76 1.32 -8.52 8.13
N THR A 77 1.79 -9.76 7.98
CA THR A 77 0.96 -10.89 8.32
C THR A 77 0.92 -11.17 9.82
N GLU A 78 1.73 -10.49 10.63
CA GLU A 78 1.73 -10.72 12.06
C GLU A 78 0.64 -9.90 12.73
N VAL A 79 -0.14 -10.54 13.60
CA VAL A 79 -1.19 -9.83 14.32
C VAL A 79 -0.56 -8.80 15.25
N VAL A 80 -1.02 -7.55 15.16
CA VAL A 80 -0.61 -6.51 16.11
C VAL A 80 -1.36 -6.73 17.41
N ARG A 81 -0.62 -6.92 18.50
CA ARG A 81 -1.22 -7.17 19.80
C ARG A 81 -0.39 -6.49 20.89
N ARG A 82 -0.98 -6.42 22.09
CA ARG A 82 -0.22 -5.90 23.22
C ARG A 82 0.89 -6.87 23.61
N CYS A 83 1.94 -6.31 24.20
CA CYS A 83 3.16 -7.02 24.51
C CYS A 83 2.93 -7.94 25.72
N PRO A 84 3.90 -8.81 26.02
CA PRO A 84 3.71 -9.75 27.13
C PRO A 84 3.54 -9.09 28.48
N HIS A 85 4.04 -7.87 28.66
CA HIS A 85 3.81 -7.16 29.91
C HIS A 85 2.41 -6.56 29.94
N HIS A 86 2.07 -5.75 28.93
CA HIS A 86 0.83 -5.00 29.01
C HIS A 86 -0.40 -5.89 28.91
N GLU A 87 -0.32 -7.03 28.21
CA GLU A 87 -1.50 -7.90 28.20
C GLU A 87 -1.80 -8.50 29.57
N ARG A 88 -0.86 -8.41 30.52
CA ARG A 88 -1.03 -8.99 31.85
C ARG A 88 -1.12 -7.94 32.96
N CYS A 89 -1.28 -6.67 32.63
N CYS A 89 -1.28 -6.66 32.61
CA CYS A 89 -1.22 -5.65 33.68
CA CYS A 89 -1.25 -5.59 33.60
C CYS A 89 -2.59 -5.29 34.27
C CYS A 89 -2.54 -5.45 34.38
N SER A 90 -3.63 -6.03 33.91
CA SER A 90 -4.95 -5.91 34.56
C SER A 90 -5.49 -4.48 34.53
N ASP A 91 -5.20 -3.75 33.44
CA ASP A 91 -5.74 -2.43 33.21
C ASP A 91 -7.05 -2.45 32.42
N SER A 92 -7.82 -3.52 32.56
CA SER A 92 -9.06 -3.69 31.82
C SER A 92 -10.02 -2.55 32.10
N ASP A 93 -10.82 -2.22 31.09
CA ASP A 93 -11.95 -1.30 31.27
C ASP A 93 -13.27 -2.05 31.38
N GLY A 94 -13.24 -3.37 31.51
CA GLY A 94 -14.44 -4.19 31.57
C GLY A 94 -14.98 -4.62 30.22
N LEU A 95 -14.46 -4.09 29.12
CA LEU A 95 -14.99 -4.38 27.80
C LEU A 95 -13.89 -4.84 26.84
N ALA A 96 -12.78 -4.11 26.79
CA ALA A 96 -11.70 -4.47 25.88
C ALA A 96 -10.96 -5.70 26.40
N PRO A 97 -10.73 -6.71 25.57
CA PRO A 97 -9.85 -7.79 25.98
C PRO A 97 -8.48 -7.26 26.28
N PRO A 98 -7.78 -7.83 27.26
CA PRO A 98 -6.48 -7.27 27.66
C PRO A 98 -5.42 -7.35 26.57
N GLN A 99 -5.62 -8.18 25.54
CA GLN A 99 -4.66 -8.30 24.44
C GLN A 99 -4.80 -7.20 23.39
N HIS A 100 -5.93 -6.49 23.35
CA HIS A 100 -6.18 -5.55 22.26
C HIS A 100 -5.41 -4.24 22.42
N LEU A 101 -4.69 -3.86 21.37
CA LEU A 101 -3.95 -2.60 21.37
C LEU A 101 -4.88 -1.39 21.37
N ILE A 102 -5.91 -1.41 20.53
CA ILE A 102 -6.77 -0.25 20.32
C ILE A 102 -8.05 -0.42 21.12
N ARG A 103 -8.36 0.58 21.95
CA ARG A 103 -9.63 0.65 22.64
C ARG A 103 -10.39 1.88 22.18
N VAL A 104 -11.72 1.82 22.28
CA VAL A 104 -12.57 2.98 22.17
C VAL A 104 -12.92 3.41 23.58
N GLU A 105 -12.75 4.70 23.86
CA GLU A 105 -13.00 5.28 25.15
C GLU A 105 -14.43 5.80 25.23
N GLY A 106 -15.11 5.54 26.35
CA GLY A 106 -16.38 6.17 26.65
C GLY A 106 -17.53 5.88 25.72
N ASN A 107 -17.64 4.64 25.24
CA ASN A 107 -18.75 4.24 24.38
C ASN A 107 -19.12 2.81 24.78
N LEU A 108 -20.23 2.67 25.51
CA LEU A 108 -20.64 1.35 25.97
C LEU A 108 -21.12 0.44 24.84
N ARG A 109 -21.30 0.97 23.63
CA ARG A 109 -21.71 0.19 22.48
C ARG A 109 -20.54 -0.33 21.67
N ALA A 110 -19.31 -0.07 22.12
CA ALA A 110 -18.14 -0.60 21.42
C ALA A 110 -18.14 -2.12 21.55
N GLU A 111 -17.78 -2.79 20.46
CA GLU A 111 -17.62 -4.24 20.45
C GLU A 111 -16.21 -4.57 20.00
N TYR A 112 -15.63 -5.58 20.64
CA TYR A 112 -14.28 -6.01 20.36
C TYR A 112 -14.31 -7.37 19.69
N LEU A 113 -13.61 -7.50 18.58
CA LEU A 113 -13.60 -8.72 17.78
C LEU A 113 -12.23 -9.35 17.81
N ASP A 114 -12.18 -10.66 18.11
CA ASP A 114 -11.06 -11.52 17.78
C ASP A 114 -11.50 -12.31 16.56
N ASP A 115 -10.90 -12.03 15.40
CA ASP A 115 -11.36 -12.66 14.17
C ASP A 115 -11.09 -14.16 14.23
N ARG A 116 -12.12 -14.96 13.97
CA ARG A 116 -11.98 -16.41 14.13
C ARG A 116 -11.04 -17.04 13.12
N ASN A 117 -10.81 -16.38 11.97
CA ASN A 117 -9.93 -16.91 10.94
C ASN A 117 -8.56 -16.26 10.91
N THR A 118 -8.47 -14.94 11.07
CA THR A 118 -7.20 -14.25 11.00
C THR A 118 -6.59 -13.98 12.37
N PHE A 119 -7.37 -14.12 13.44
CA PHE A 119 -6.95 -13.82 14.80
C PHE A 119 -6.62 -12.35 15.01
N ARG A 120 -6.91 -11.49 14.05
CA ARG A 120 -6.68 -10.07 14.25
C ARG A 120 -7.72 -9.46 15.17
N HIS A 121 -7.33 -8.38 15.82
CA HIS A 121 -8.18 -7.67 16.76
C HIS A 121 -8.76 -6.43 16.10
N SER A 122 -9.98 -6.09 16.47
CA SER A 122 -10.54 -4.82 16.04
C SER A 122 -11.59 -4.38 17.05
N VAL A 123 -11.95 -3.11 16.96
CA VAL A 123 -12.98 -2.53 17.82
C VAL A 123 -13.90 -1.73 16.92
N VAL A 124 -15.21 -1.95 17.07
CA VAL A 124 -16.20 -1.41 16.15
C VAL A 124 -17.29 -0.74 16.97
N VAL A 125 -17.76 0.41 16.49
CA VAL A 125 -18.85 1.15 17.15
C VAL A 125 -19.94 1.50 16.15
N PRO A 126 -21.19 1.63 16.61
CA PRO A 126 -22.26 2.10 15.71
C PRO A 126 -22.04 3.56 15.34
N CYS A 127 -22.33 3.88 14.09
CA CYS A 127 -22.30 5.28 13.66
C CYS A 127 -23.46 6.03 14.31
N GLU A 128 -23.16 7.22 14.82
CA GLU A 128 -24.16 8.12 15.38
C GLU A 128 -23.95 9.48 14.74
N PRO A 129 -25.02 10.22 14.50
CA PRO A 129 -24.89 11.53 13.87
C PRO A 129 -24.20 12.52 14.81
N PRO A 130 -23.63 13.59 14.28
CA PRO A 130 -23.01 14.60 15.13
C PRO A 130 -24.01 15.19 16.11
N GLU A 131 -23.51 15.66 17.25
CA GLU A 131 -24.34 16.42 18.15
C GLU A 131 -24.77 17.71 17.48
N VAL A 132 -25.92 18.24 17.90
CA VAL A 132 -26.43 19.47 17.32
C VAL A 132 -25.38 20.56 17.46
N GLY A 133 -25.09 21.27 16.36
CA GLY A 133 -24.06 22.26 16.32
C GLY A 133 -22.70 21.77 15.86
N SER A 134 -22.53 20.47 15.65
CA SER A 134 -21.29 19.92 15.13
C SER A 134 -21.49 19.37 13.73
N ASP A 135 -20.41 19.36 12.97
CA ASP A 135 -20.45 18.91 11.59
C ASP A 135 -19.81 17.55 11.36
N CYS A 136 -19.21 16.96 12.39
CA CYS A 136 -18.61 15.66 12.27
C CYS A 136 -18.80 14.92 13.59
N THR A 137 -18.51 13.64 13.57
CA THR A 137 -18.57 12.79 14.75
C THR A 137 -17.14 12.44 15.13
N THR A 138 -16.86 12.41 16.44
CA THR A 138 -15.52 12.12 16.92
C THR A 138 -15.55 10.82 17.73
N ILE A 139 -14.61 9.93 17.43
CA ILE A 139 -14.38 8.73 18.23
C ILE A 139 -13.09 8.95 19.02
N HIS A 140 -13.07 8.52 20.27
CA HIS A 140 -11.88 8.65 21.10
C HIS A 140 -11.22 7.29 21.25
N TYR A 141 -10.03 7.14 20.68
CA TYR A 141 -9.29 5.90 20.75
C TYR A 141 -8.18 6.00 21.80
N ASN A 142 -7.79 4.85 22.34
CA ASN A 142 -6.61 4.72 23.19
C ASN A 142 -5.72 3.63 22.60
N TYR A 143 -4.40 3.86 22.61
CA TYR A 143 -3.43 2.85 22.22
C TYR A 143 -2.70 2.36 23.46
N MET A 144 -2.71 1.04 23.69
CA MET A 144 -2.43 0.48 25.00
C MET A 144 -1.04 -0.14 25.14
N CYS A 145 -0.16 0.07 24.16
N CYS A 145 -0.14 0.10 24.18
CA CYS A 145 1.26 -0.25 24.29
CA CYS A 145 1.26 -0.30 24.21
C CYS A 145 2.05 0.84 23.59
C CYS A 145 2.07 0.79 23.53
N TYR A 146 3.32 0.97 23.99
CA TYR A 146 4.26 1.82 23.28
C TYR A 146 4.74 1.13 22.01
N SER A 147 5.07 1.93 20.99
CA SER A 147 5.66 1.34 19.79
C SER A 147 6.90 0.53 20.11
N SER A 148 7.62 0.91 21.17
CA SER A 148 8.87 0.28 21.56
C SER A 148 8.71 -0.97 22.41
N CYS A 149 7.48 -1.36 22.78
CA CYS A 149 7.30 -2.44 23.75
C CYS A 149 7.98 -3.74 23.31
N MET A 150 8.88 -4.25 24.14
CA MET A 150 9.58 -5.49 23.79
C MET A 150 8.60 -6.66 23.76
N GLY A 151 8.78 -7.53 22.77
CA GLY A 151 7.90 -8.66 22.61
C GLY A 151 6.53 -8.33 22.04
N GLY A 152 6.22 -7.05 21.83
CA GLY A 152 5.01 -6.65 21.14
C GLY A 152 5.39 -5.93 19.86
N MET A 153 4.98 -4.66 19.73
CA MET A 153 5.34 -3.92 18.52
C MET A 153 6.86 -3.84 18.30
N ASN A 154 7.63 -3.73 19.38
CA ASN A 154 9.08 -3.88 19.32
C ASN A 154 9.74 -2.95 18.30
N ARG A 155 9.34 -1.68 18.35
N ARG A 155 9.34 -1.68 18.34
CA ARG A 155 9.81 -0.56 17.54
CA ARG A 155 9.87 -0.60 17.50
C ARG A 155 9.24 -0.54 16.12
C ARG A 155 9.43 -0.68 16.04
N ARG A 156 8.48 -1.55 15.72
CA ARG A 156 7.96 -1.62 14.35
C ARG A 156 6.79 -0.64 14.19
N PRO A 157 6.80 0.18 13.14
CA PRO A 157 5.68 1.09 12.91
CA PRO A 157 5.67 1.09 12.92
C PRO A 157 4.41 0.31 12.58
N ILE A 158 3.28 0.88 12.98
CA ILE A 158 1.97 0.32 12.67
C ILE A 158 1.15 1.38 11.94
N LEU A 159 0.10 0.91 11.28
CA LEU A 159 -0.94 1.82 10.84
C LEU A 159 -2.27 1.37 11.41
N THR A 160 -3.15 2.34 11.64
CA THR A 160 -4.53 2.06 11.99
C THR A 160 -5.37 2.21 10.73
N ILE A 161 -6.18 1.20 10.44
CA ILE A 161 -7.11 1.22 9.32
C ILE A 161 -8.51 1.44 9.90
N ILE A 162 -9.18 2.48 9.42
CA ILE A 162 -10.56 2.77 9.86
C ILE A 162 -11.48 2.43 8.69
N THR A 163 -12.43 1.54 8.95
CA THR A 163 -13.36 1.12 7.90
C THR A 163 -14.78 1.49 8.29
N LEU A 164 -15.51 2.05 7.33
CA LEU A 164 -16.96 2.22 7.44
C LEU A 164 -17.61 0.96 6.85
N GLU A 165 -18.51 0.34 7.63
CA GLU A 165 -19.08 -0.94 7.24
C GLU A 165 -20.60 -0.88 7.33
N ASP A 166 -21.27 -1.66 6.49
CA ASP A 166 -22.70 -1.84 6.66
C ASP A 166 -23.00 -2.82 7.79
N SER A 167 -24.28 -3.11 8.01
CA SER A 167 -24.66 -3.93 9.14
C SER A 167 -24.17 -5.38 9.04
N SER A 168 -23.86 -5.86 7.84
CA SER A 168 -23.27 -7.18 7.63
C SER A 168 -21.75 -7.16 7.69
N GLY A 169 -21.13 -5.99 7.83
CA GLY A 169 -19.69 -5.92 7.81
C GLY A 169 -19.08 -5.68 6.44
N ASN A 170 -19.90 -5.44 5.42
CA ASN A 170 -19.36 -5.15 4.08
C ASN A 170 -18.77 -3.75 4.03
N LEU A 171 -17.75 -3.60 3.20
CA LEU A 171 -16.98 -2.36 3.12
C LEU A 171 -17.80 -1.24 2.46
N LEU A 172 -17.86 -0.09 3.14
CA LEU A 172 -18.44 1.13 2.58
C LEU A 172 -17.43 2.26 2.40
N GLY A 173 -16.34 2.24 3.15
CA GLY A 173 -15.34 3.30 3.09
C GLY A 173 -14.14 2.89 3.91
N ARG A 174 -13.00 3.50 3.61
CA ARG A 174 -11.76 3.16 4.30
C ARG A 174 -10.81 4.36 4.31
N ASP A 175 -10.11 4.54 5.42
CA ASP A 175 -9.04 5.52 5.54
C ASP A 175 -8.02 4.93 6.51
N SER A 176 -6.85 5.55 6.62
CA SER A 176 -5.82 4.98 7.47
C SER A 176 -4.78 6.04 7.83
N PHE A 177 -4.01 5.75 8.87
CA PHE A 177 -2.94 6.63 9.30
C PHE A 177 -1.91 5.81 10.05
N GLU A 178 -0.65 6.22 9.96
CA GLU A 178 0.39 5.61 10.77
C GLU A 178 0.26 6.08 12.21
N VAL A 179 0.70 5.24 13.16
CA VAL A 179 0.69 5.59 14.58
C VAL A 179 2.05 5.31 15.20
N ARG A 180 2.51 6.24 16.02
CA ARG A 180 3.64 6.01 16.93
C ARG A 180 3.16 6.32 18.33
N VAL A 181 3.25 5.34 19.22
CA VAL A 181 2.90 5.52 20.63
C VAL A 181 4.21 5.72 21.38
N CYS A 182 4.38 6.86 22.03
CA CYS A 182 5.69 7.25 22.52
C CYS A 182 5.53 8.21 23.70
N ALA A 183 6.64 8.40 24.43
CA ALA A 183 6.61 9.24 25.62
C ALA A 183 6.45 10.72 25.28
N CYS A 184 7.02 11.19 24.18
CA CYS A 184 7.03 12.61 23.84
C CYS A 184 6.56 12.82 22.40
N PRO A 185 5.25 12.72 22.18
CA PRO A 185 4.72 12.90 20.80
C PRO A 185 5.09 14.21 20.15
N GLY A 186 5.12 15.31 20.91
CA GLY A 186 5.44 16.59 20.31
C GLY A 186 6.85 16.62 19.74
N ARG A 187 7.82 16.17 20.53
CA ARG A 187 9.20 16.14 20.06
C ARG A 187 9.36 15.16 18.91
N ASP A 188 8.72 13.99 19.00
CA ASP A 188 8.92 13.01 17.94
C ASP A 188 8.29 13.47 16.63
N ARG A 189 7.14 14.13 16.71
CA ARG A 189 6.57 14.71 15.49
C ARG A 189 7.49 15.75 14.88
N ARG A 190 8.06 16.64 15.71
CA ARG A 190 8.98 17.64 15.19
C ARG A 190 10.20 16.98 14.55
N THR A 191 10.75 15.95 15.21
CA THR A 191 11.92 15.25 14.67
C THR A 191 11.62 14.60 13.34
N GLU A 192 10.52 13.86 13.25
CA GLU A 192 10.24 13.14 12.02
C GLU A 192 9.86 14.09 10.89
N GLU A 193 9.18 15.18 11.20
CA GLU A 193 8.89 16.18 10.17
C GLU A 193 10.16 16.84 9.66
N GLU A 194 11.12 17.09 10.54
CA GLU A 194 12.39 17.64 10.10
C GLU A 194 13.15 16.64 9.23
N ASN A 195 13.18 15.37 9.63
CA ASN A 195 13.82 14.35 8.81
C ASN A 195 13.19 14.28 7.42
N LEU A 196 11.86 14.42 7.34
CA LEU A 196 11.19 14.41 6.05
C LEU A 196 11.57 15.63 5.21
N ARG A 197 11.65 16.80 5.85
CA ARG A 197 12.03 18.01 5.13
C ARG A 197 13.45 17.90 4.59
N LYS A 198 14.37 17.38 5.39
CA LYS A 198 15.75 17.23 4.93
C LYS A 198 15.88 16.18 3.84
N LYS A 199 15.06 15.14 3.88
CA LYS A 199 15.08 14.10 2.85
C LYS A 199 14.41 14.57 1.58
N SER B 1 13.63 -24.51 -19.87
CA SER B 1 13.41 -23.11 -20.17
C SER B 1 11.99 -22.90 -20.67
N SER B 2 11.69 -21.67 -21.09
CA SER B 2 10.34 -21.31 -21.52
C SER B 2 10.41 -20.51 -22.80
N SER B 3 9.33 -20.58 -23.58
CA SER B 3 9.20 -19.74 -24.76
C SER B 3 9.23 -18.27 -24.36
N VAL B 4 9.46 -17.41 -25.34
CA VAL B 4 9.74 -15.99 -25.11
C VAL B 4 8.53 -15.16 -25.54
N PRO B 5 7.87 -14.48 -24.62
CA PRO B 5 6.74 -13.62 -25.00
C PRO B 5 7.20 -12.48 -25.89
N SER B 6 6.33 -12.09 -26.82
CA SER B 6 6.66 -10.98 -27.70
C SER B 6 6.73 -9.67 -26.91
N GLN B 7 7.65 -8.80 -27.30
CA GLN B 7 7.73 -7.45 -26.78
C GLN B 7 7.43 -6.39 -27.83
N LYS B 8 6.87 -6.77 -28.97
CA LYS B 8 6.69 -5.83 -30.07
C LYS B 8 5.55 -4.87 -29.75
N THR B 9 5.83 -3.57 -29.91
CA THR B 9 4.81 -2.56 -29.68
C THR B 9 3.67 -2.74 -30.67
N TYR B 10 2.43 -2.71 -30.17
CA TYR B 10 1.25 -2.99 -30.98
C TYR B 10 0.09 -2.19 -30.39
N GLN B 11 -0.28 -1.09 -31.05
CA GLN B 11 -1.35 -0.27 -30.50
C GLN B 11 -2.71 -0.95 -30.62
N GLY B 12 -2.93 -1.73 -31.69
CA GLY B 12 -4.19 -2.41 -31.86
C GLY B 12 -5.34 -1.46 -32.15
N SER B 13 -6.54 -2.05 -32.12
CA SER B 13 -7.75 -1.35 -32.56
C SER B 13 -8.11 -0.18 -31.66
N TYR B 14 -7.70 -0.19 -30.40
CA TYR B 14 -8.07 0.87 -29.47
C TYR B 14 -7.01 1.93 -29.31
N GLY B 15 -5.87 1.82 -30.02
CA GLY B 15 -4.82 2.81 -29.92
C GLY B 15 -4.16 2.80 -28.56
N PHE B 16 -3.82 1.60 -28.07
CA PHE B 16 -3.32 1.44 -26.71
C PHE B 16 -1.83 1.74 -26.61
N ARG B 17 -1.46 2.55 -25.61
CA ARG B 17 -0.04 2.81 -25.33
C ARG B 17 0.13 3.29 -23.89
N LEU B 18 1.36 3.19 -23.39
CA LEU B 18 1.66 3.58 -22.02
C LEU B 18 2.01 5.07 -21.93
N GLY B 19 2.00 5.58 -20.70
CA GLY B 19 2.54 6.90 -20.42
C GLY B 19 3.14 6.89 -19.03
N PHE B 20 4.03 7.84 -18.78
CA PHE B 20 4.72 7.93 -17.51
C PHE B 20 4.74 9.38 -17.05
N LEU B 21 4.70 9.55 -15.73
CA LEU B 21 4.85 10.87 -15.13
C LEU B 21 6.24 11.40 -15.38
N HIS B 22 6.40 12.71 -15.19
CA HIS B 22 7.70 13.37 -15.30
C HIS B 22 8.17 13.70 -13.89
N SER B 23 8.86 12.74 -13.29
CA SER B 23 9.20 12.82 -11.87
C SER B 23 10.56 13.44 -11.59
N GLY B 24 11.38 13.68 -12.61
CA GLY B 24 12.69 14.26 -12.39
C GLY B 24 13.70 13.27 -11.85
N THR B 25 14.87 13.79 -11.47
CA THR B 25 16.00 12.94 -11.10
C THR B 25 16.62 13.36 -9.76
N ALA B 26 15.84 14.00 -8.89
CA ALA B 26 16.38 14.36 -7.58
C ALA B 26 16.76 13.11 -6.81
N LYS B 27 17.72 13.27 -5.89
CA LYS B 27 18.22 12.14 -5.12
C LYS B 27 17.10 11.42 -4.38
N SER B 28 16.04 12.13 -4.02
CA SER B 28 14.94 11.58 -3.22
C SER B 28 13.88 10.87 -4.05
N VAL B 29 13.93 10.95 -5.39
CA VAL B 29 12.84 10.41 -6.20
C VAL B 29 12.78 8.88 -6.05
N THR B 30 11.56 8.34 -5.96
CA THR B 30 11.37 6.92 -5.75
C THR B 30 11.09 6.16 -7.04
N CYS B 31 10.67 6.85 -8.09
CA CYS B 31 10.39 6.23 -9.37
C CYS B 31 10.53 7.32 -10.41
N THR B 32 11.25 7.03 -11.49
CA THR B 32 11.43 8.04 -12.53
C THR B 32 11.64 7.34 -13.87
N TYR B 33 11.07 7.91 -14.92
CA TYR B 33 11.07 7.29 -16.24
C TYR B 33 11.93 8.09 -17.20
N SER B 34 12.78 7.38 -17.95
CA SER B 34 13.62 8.00 -18.98
C SER B 34 13.04 7.74 -20.35
N PRO B 35 12.45 8.74 -21.02
CA PRO B 35 12.01 8.51 -22.41
C PRO B 35 13.15 8.15 -23.35
N ALA B 36 14.33 8.76 -23.19
CA ALA B 36 15.42 8.48 -24.11
C ALA B 36 15.88 7.04 -24.03
N LEU B 37 15.79 6.43 -22.85
CA LEU B 37 16.19 5.03 -22.65
C LEU B 37 15.01 4.06 -22.71
N ASN B 38 13.78 4.58 -22.76
CA ASN B 38 12.57 3.77 -22.52
C ASN B 38 12.75 2.89 -21.30
N LYS B 39 13.14 3.52 -20.19
CA LYS B 39 13.54 2.77 -19.01
C LYS B 39 13.00 3.43 -17.76
N LEU B 40 12.34 2.63 -16.92
CA LEU B 40 11.83 3.06 -15.63
C LEU B 40 12.86 2.70 -14.56
N PHE B 41 13.17 3.65 -13.68
CA PHE B 41 14.08 3.43 -12.57
C PHE B 41 13.28 3.58 -11.29
N CYS B 42 13.37 2.59 -10.38
CA CYS B 42 12.55 2.68 -9.19
C CYS B 42 13.24 2.02 -8.01
N GLN B 43 12.85 2.45 -6.81
CA GLN B 43 13.31 1.83 -5.59
C GLN B 43 12.52 0.56 -5.30
N LEU B 44 13.08 -0.27 -4.44
CA LEU B 44 12.49 -1.57 -4.10
C LEU B 44 11.11 -1.39 -3.48
N ALA B 45 10.12 -2.03 -4.08
CA ALA B 45 8.76 -2.12 -3.55
C ALA B 45 8.02 -0.79 -3.51
N LYS B 46 8.55 0.26 -4.11
CA LYS B 46 7.89 1.55 -4.09
C LYS B 46 6.88 1.65 -5.24
N THR B 47 5.95 2.60 -5.09
CA THR B 47 4.90 2.78 -6.08
C THR B 47 5.48 3.23 -7.42
N CYS B 48 5.11 2.51 -8.48
CA CYS B 48 5.46 2.90 -9.86
C CYS B 48 4.19 3.16 -10.63
N PRO B 49 3.83 4.42 -10.87
CA PRO B 49 2.61 4.72 -11.65
C PRO B 49 2.87 4.52 -13.14
N VAL B 50 2.02 3.71 -13.77
CA VAL B 50 2.07 3.50 -15.21
C VAL B 50 0.72 3.92 -15.76
N GLN B 51 0.72 4.84 -16.72
CA GLN B 51 -0.52 5.29 -17.32
C GLN B 51 -0.87 4.42 -18.52
N LEU B 52 -2.18 4.24 -18.72
CA LEU B 52 -2.71 3.61 -19.92
C LEU B 52 -3.45 4.68 -20.71
N TRP B 53 -3.19 4.73 -22.02
CA TRP B 53 -3.85 5.67 -22.91
C TRP B 53 -4.46 4.91 -24.08
N VAL B 54 -5.67 5.31 -24.49
CA VAL B 54 -6.34 4.71 -25.64
C VAL B 54 -6.97 5.82 -26.47
N ASP B 55 -7.19 5.51 -27.75
CA ASP B 55 -7.96 6.42 -28.62
C ASP B 55 -9.46 6.16 -28.52
N SER B 56 -9.85 4.93 -28.19
CA SER B 56 -11.25 4.58 -28.01
C SER B 56 -11.35 3.57 -26.86
N THR B 57 -12.54 3.51 -26.26
CA THR B 57 -12.74 2.76 -25.02
C THR B 57 -12.89 1.27 -25.32
N PRO B 58 -12.12 0.40 -24.68
CA PRO B 58 -12.27 -1.04 -24.89
C PRO B 58 -13.51 -1.57 -24.18
N PRO B 59 -13.99 -2.75 -24.57
CA PRO B 59 -15.26 -3.29 -24.02
C PRO B 59 -15.13 -3.62 -22.54
N PRO B 60 -16.25 -3.66 -21.82
CA PRO B 60 -16.21 -4.15 -20.44
C PRO B 60 -15.66 -5.56 -20.40
N GLY B 61 -14.78 -5.80 -19.43
CA GLY B 61 -14.12 -7.09 -19.30
C GLY B 61 -12.73 -7.12 -19.88
N THR B 62 -12.32 -6.07 -20.60
CA THR B 62 -10.93 -5.94 -21.02
C THR B 62 -10.05 -5.84 -19.79
N ARG B 63 -8.85 -6.41 -19.88
CA ARG B 63 -7.91 -6.43 -18.77
C ARG B 63 -6.53 -5.99 -19.23
N VAL B 64 -5.67 -5.67 -18.25
CA VAL B 64 -4.31 -5.23 -18.53
C VAL B 64 -3.37 -6.09 -17.71
N ARG B 65 -2.40 -6.72 -18.38
CA ARG B 65 -1.50 -7.69 -17.78
C ARG B 65 -0.08 -7.15 -17.82
N ALA B 66 0.70 -7.42 -16.79
CA ALA B 66 2.11 -7.07 -16.73
C ALA B 66 2.95 -8.34 -16.53
N MET B 67 4.07 -8.41 -17.23
CA MET B 67 4.96 -9.57 -17.16
C MET B 67 6.38 -9.09 -17.41
N ALA B 68 7.35 -9.65 -16.70
CA ALA B 68 8.75 -9.30 -16.88
C ALA B 68 9.46 -10.37 -17.69
N ILE B 69 10.37 -9.94 -18.59
CA ILE B 69 11.29 -10.85 -19.24
C ILE B 69 12.70 -10.26 -19.18
N TYR B 70 13.70 -11.13 -19.29
CA TYR B 70 15.08 -10.63 -19.42
C TYR B 70 15.29 -10.01 -20.79
N LYS B 71 16.04 -8.91 -20.81
CA LYS B 71 16.27 -8.18 -22.05
C LYS B 71 17.28 -8.88 -22.95
N GLN B 72 18.33 -9.47 -22.38
CA GLN B 72 19.43 -9.98 -23.17
C GLN B 72 19.10 -11.34 -23.79
N SER B 73 19.65 -11.56 -24.98
CA SER B 73 19.36 -12.76 -25.75
C SER B 73 19.63 -14.04 -24.97
N GLN B 74 20.74 -14.07 -24.23
N GLN B 74 20.75 -14.09 -24.25
CA GLN B 74 21.16 -15.27 -23.52
CA GLN B 74 21.11 -15.32 -23.55
C GLN B 74 20.33 -15.54 -22.27
C GLN B 74 20.21 -15.61 -22.36
N HIS B 75 19.47 -14.61 -21.86
CA HIS B 75 18.66 -14.78 -20.68
C HIS B 75 17.15 -14.74 -20.92
N MET B 76 16.71 -14.39 -22.13
CA MET B 76 15.28 -14.16 -22.33
CA MET B 76 15.28 -14.17 -22.37
C MET B 76 14.45 -15.42 -22.14
N THR B 77 15.02 -16.62 -22.28
CA THR B 77 14.22 -17.83 -22.05
C THR B 77 14.06 -18.18 -20.57
N GLU B 78 14.75 -17.48 -19.67
CA GLU B 78 14.66 -17.79 -18.24
C GLU B 78 13.53 -17.00 -17.59
N VAL B 79 12.71 -17.67 -16.78
CA VAL B 79 11.64 -16.99 -16.07
C VAL B 79 12.21 -15.95 -15.12
N VAL B 80 11.73 -14.71 -15.22
CA VAL B 80 12.09 -13.68 -14.25
C VAL B 80 11.33 -13.95 -12.97
N ARG B 81 12.06 -14.12 -11.87
CA ARG B 81 11.42 -14.39 -10.59
C ARG B 81 12.19 -13.69 -9.48
N ARG B 82 11.59 -13.68 -8.29
CA ARG B 82 12.28 -13.12 -7.15
C ARG B 82 13.41 -14.03 -6.71
N CYS B 83 14.41 -13.43 -6.06
CA CYS B 83 15.64 -14.11 -5.68
C CYS B 83 15.40 -15.08 -4.53
N PRO B 84 16.39 -15.93 -4.22
CA PRO B 84 16.19 -16.91 -3.14
C PRO B 84 15.96 -16.28 -1.78
N HIS B 85 16.42 -15.05 -1.55
CA HIS B 85 16.13 -14.37 -0.30
C HIS B 85 14.72 -13.81 -0.28
N HIS B 86 14.38 -12.98 -1.27
CA HIS B 86 13.11 -12.28 -1.23
C HIS B 86 11.91 -13.21 -1.37
N GLU B 87 12.04 -14.32 -2.09
CA GLU B 87 10.91 -15.23 -2.17
C GLU B 87 10.61 -15.88 -0.82
N ARG B 88 11.53 -15.79 0.13
CA ARG B 88 11.39 -16.40 1.46
C ARG B 88 11.26 -15.37 2.59
N CYS B 89 10.98 -14.11 2.29
N CYS B 89 10.94 -14.12 2.27
CA CYS B 89 11.00 -13.09 3.34
CA CYS B 89 10.96 -13.03 3.23
C CYS B 89 9.62 -12.74 3.90
C CYS B 89 9.66 -12.85 4.01
N SER B 90 8.59 -13.55 3.61
CA SER B 90 7.27 -13.41 4.25
C SER B 90 6.69 -12.00 4.07
N ASP B 91 6.86 -11.43 2.90
CA ASP B 91 6.38 -10.08 2.63
C ASP B 91 5.17 -10.05 1.70
N SER B 92 4.50 -11.20 1.52
CA SER B 92 3.32 -11.21 0.66
C SER B 92 2.23 -10.32 1.24
N ASP B 93 1.27 -9.96 0.39
CA ASP B 93 0.10 -9.21 0.79
C ASP B 93 -1.14 -10.08 0.87
N GLY B 94 -0.96 -11.41 0.89
CA GLY B 94 -2.06 -12.33 0.84
C GLY B 94 -2.59 -12.60 -0.54
N LEU B 95 -2.12 -11.89 -1.55
CA LEU B 95 -2.56 -12.08 -2.92
C LEU B 95 -1.42 -12.43 -3.86
N ALA B 96 -0.34 -11.66 -3.85
CA ALA B 96 0.78 -11.96 -4.73
C ALA B 96 1.52 -13.17 -4.20
N PRO B 97 1.77 -14.17 -5.04
CA PRO B 97 2.67 -15.24 -4.62
C PRO B 97 4.03 -14.67 -4.29
N PRO B 98 4.73 -15.23 -3.31
CA PRO B 98 6.00 -14.63 -2.89
C PRO B 98 7.09 -14.68 -3.96
N GLN B 99 6.94 -15.52 -5.00
CA GLN B 99 7.91 -15.59 -6.09
C GLN B 99 7.76 -14.47 -7.11
N HIS B 100 6.62 -13.77 -7.15
CA HIS B 100 6.35 -12.85 -8.25
C HIS B 100 7.09 -11.51 -8.08
N LEU B 101 7.83 -11.14 -9.11
CA LEU B 101 8.55 -9.86 -9.07
C LEU B 101 7.60 -8.67 -9.07
N ILE B 102 6.57 -8.71 -9.92
CA ILE B 102 5.70 -7.55 -10.13
C ILE B 102 4.40 -7.74 -9.35
N ARG B 103 4.07 -6.76 -8.52
CA ARG B 103 2.78 -6.71 -7.86
C ARG B 103 2.02 -5.49 -8.34
N VAL B 104 0.69 -5.54 -8.24
CA VAL B 104 -0.15 -4.36 -8.36
C VAL B 104 -0.51 -3.91 -6.95
N GLU B 105 -0.36 -2.61 -6.70
CA GLU B 105 -0.62 -2.03 -5.40
C GLU B 105 -2.04 -1.48 -5.36
N GLY B 106 -2.77 -1.81 -4.29
CA GLY B 106 -4.07 -1.21 -4.03
C GLY B 106 -5.18 -1.53 -5.00
N ASN B 107 -5.25 -2.77 -5.48
CA ASN B 107 -6.36 -3.19 -6.33
C ASN B 107 -6.70 -4.64 -5.95
N LEU B 108 -7.78 -4.80 -5.18
CA LEU B 108 -8.18 -6.14 -4.76
C LEU B 108 -8.68 -7.01 -5.92
N ARG B 109 -8.89 -6.46 -7.11
CA ARG B 109 -9.24 -7.26 -8.27
C ARG B 109 -8.02 -7.76 -9.05
N ALA B 110 -6.80 -7.46 -8.59
CA ALA B 110 -5.61 -8.00 -9.22
C ALA B 110 -5.58 -9.53 -9.09
N GLU B 111 -5.18 -10.19 -10.16
CA GLU B 111 -5.04 -11.64 -10.19
C GLU B 111 -3.63 -11.98 -10.63
N TYR B 112 -3.06 -13.00 -10.02
CA TYR B 112 -1.68 -13.40 -10.29
C TYR B 112 -1.70 -14.77 -10.96
N LEU B 113 -0.94 -14.90 -12.03
CA LEU B 113 -0.95 -16.11 -12.84
C LEU B 113 0.46 -16.73 -12.82
N ASP B 114 0.52 -18.03 -12.50
CA ASP B 114 1.67 -18.86 -12.84
C ASP B 114 1.27 -19.64 -14.08
N ASP B 115 1.86 -19.31 -15.22
CA ASP B 115 1.44 -19.97 -16.45
C ASP B 115 1.73 -21.47 -16.39
N ARG B 116 0.71 -22.28 -16.64
CA ARG B 116 0.86 -23.73 -16.45
C ARG B 116 1.82 -24.36 -17.46
N ASN B 117 2.09 -23.68 -18.58
CA ASN B 117 2.97 -24.20 -19.61
C ASN B 117 4.34 -23.53 -19.65
N THR B 118 4.40 -22.21 -19.53
CA THR B 118 5.67 -21.49 -19.58
C THR B 118 6.26 -21.22 -18.21
N PHE B 119 5.46 -21.36 -17.16
CA PHE B 119 5.86 -21.07 -15.78
C PHE B 119 6.15 -19.60 -15.55
N ARG B 120 5.88 -18.74 -16.52
CA ARG B 120 6.10 -17.32 -16.30
C ARG B 120 5.02 -16.73 -15.41
N HIS B 121 5.38 -15.66 -14.70
CA HIS B 121 4.50 -14.98 -13.78
C HIS B 121 3.92 -13.74 -14.44
N SER B 122 2.68 -13.42 -14.10
CA SER B 122 2.10 -12.15 -14.53
C SER B 122 1.04 -11.72 -13.52
N VAL B 123 0.67 -10.45 -13.59
CA VAL B 123 -0.37 -9.88 -12.75
C VAL B 123 -1.29 -9.09 -13.67
N VAL B 124 -2.60 -9.31 -13.51
CA VAL B 124 -3.60 -8.77 -14.44
C VAL B 124 -4.70 -8.09 -13.64
N VAL B 125 -5.16 -6.94 -14.13
CA VAL B 125 -6.27 -6.22 -13.50
C VAL B 125 -7.33 -5.87 -14.52
N PRO B 126 -8.58 -5.69 -14.09
CA PRO B 126 -9.60 -5.21 -15.03
C PRO B 126 -9.35 -3.76 -15.42
N CYS B 127 -9.62 -3.46 -16.69
CA CYS B 127 -9.63 -2.07 -17.12
C CYS B 127 -10.78 -1.33 -16.45
N GLU B 128 -10.51 -0.12 -15.98
CA GLU B 128 -11.51 0.79 -15.45
C GLU B 128 -11.31 2.14 -16.08
N PRO B 129 -12.37 2.92 -16.26
CA PRO B 129 -12.21 4.26 -16.84
C PRO B 129 -11.49 5.19 -15.89
N PRO B 130 -10.92 6.28 -16.40
CA PRO B 130 -10.20 7.22 -15.54
C PRO B 130 -11.10 7.79 -14.45
N GLU B 131 -10.48 8.21 -13.36
CA GLU B 131 -11.21 8.98 -12.37
C GLU B 131 -11.68 10.28 -12.99
N VAL B 132 -12.81 10.80 -12.50
CA VAL B 132 -13.34 12.03 -13.05
C VAL B 132 -12.29 13.13 -12.97
N GLY B 133 -12.14 13.87 -14.07
CA GLY B 133 -11.13 14.90 -14.14
C GLY B 133 -9.79 14.44 -14.67
N SER B 134 -9.62 13.16 -14.99
N SER B 134 -9.62 13.15 -14.98
CA SER B 134 -8.38 12.62 -15.52
CA SER B 134 -8.39 12.63 -15.53
C SER B 134 -8.60 12.08 -16.93
C SER B 134 -8.61 12.11 -16.93
N ASP B 135 -7.56 12.14 -17.75
CA ASP B 135 -7.62 11.70 -19.13
C ASP B 135 -7.08 10.30 -19.35
N CYS B 136 -6.51 9.66 -18.33
CA CYS B 136 -5.97 8.33 -18.49
C CYS B 136 -6.18 7.56 -17.19
N THR B 137 -5.98 6.27 -17.28
CA THR B 137 -6.05 5.39 -16.12
C THR B 137 -4.64 5.00 -15.72
N THR B 138 -4.39 4.94 -14.42
CA THR B 138 -3.07 4.64 -13.89
C THR B 138 -3.13 3.35 -13.08
N ILE B 139 -2.17 2.46 -13.31
CA ILE B 139 -1.96 1.29 -12.46
C ILE B 139 -0.69 1.54 -11.66
N HIS B 140 -0.73 1.18 -10.38
N HIS B 140 -0.70 1.14 -10.39
CA HIS B 140 0.43 1.26 -9.50
CA HIS B 140 0.45 1.29 -9.52
C HIS B 140 1.08 -0.11 -9.42
C HIS B 140 1.12 -0.07 -9.33
N TYR B 141 2.32 -0.21 -9.89
CA TYR B 141 3.09 -1.44 -9.81
C TYR B 141 4.14 -1.32 -8.72
N ASN B 142 4.52 -2.46 -8.14
CA ASN B 142 5.66 -2.54 -7.23
C ASN B 142 6.59 -3.63 -7.75
N TYR B 143 7.90 -3.36 -7.76
CA TYR B 143 8.89 -4.35 -8.13
C TYR B 143 9.59 -4.85 -6.86
N MET B 144 9.61 -6.16 -6.66
CA MET B 144 9.86 -6.74 -5.34
C MET B 144 11.28 -7.31 -5.17
N CYS B 145 12.18 -7.07 -6.10
CA CYS B 145 13.59 -7.37 -5.97
C CYS B 145 14.39 -6.24 -6.60
N TYR B 146 15.62 -6.04 -6.12
CA TYR B 146 16.58 -5.19 -6.80
C TYR B 146 17.08 -5.87 -8.07
N SER B 147 17.41 -5.07 -9.08
CA SER B 147 18.03 -5.62 -10.27
C SER B 147 19.29 -6.43 -9.93
N SER B 148 19.97 -6.06 -8.85
CA SER B 148 21.21 -6.72 -8.45
C SER B 148 21.03 -7.97 -7.61
N CYS B 149 19.80 -8.37 -7.26
CA CYS B 149 19.63 -9.45 -6.28
C CYS B 149 20.35 -10.74 -6.72
N MET B 150 21.24 -11.22 -5.85
CA MET B 150 21.98 -12.45 -6.14
C MET B 150 21.01 -13.63 -6.25
N GLY B 151 21.24 -14.50 -7.24
CA GLY B 151 20.38 -15.65 -7.47
C GLY B 151 19.02 -15.32 -8.07
N GLY B 152 18.69 -14.03 -8.21
CA GLY B 152 17.51 -13.63 -8.95
C GLY B 152 17.92 -12.91 -10.22
N MET B 153 17.51 -11.66 -10.39
CA MET B 153 17.88 -10.91 -11.59
C MET B 153 19.39 -10.80 -11.75
N ASN B 154 20.12 -10.70 -10.64
CA ASN B 154 21.58 -10.79 -10.65
C ASN B 154 22.23 -9.85 -11.68
N ARG B 155 21.78 -8.60 -11.65
CA ARG B 155 22.30 -7.50 -12.47
C ARG B 155 21.88 -7.58 -13.92
N ARG B 156 21.04 -8.53 -14.30
CA ARG B 156 20.59 -8.65 -15.69
C ARG B 156 19.41 -7.73 -15.93
N PRO B 157 19.45 -6.90 -16.97
CA PRO B 157 18.33 -5.99 -17.23
CA PRO B 157 18.33 -5.99 -17.23
C PRO B 157 17.08 -6.75 -17.63
N ILE B 158 15.93 -6.19 -17.24
CA ILE B 158 14.63 -6.75 -17.57
C ILE B 158 13.80 -5.73 -18.33
N LEU B 159 12.78 -6.24 -19.00
CA LEU B 159 11.71 -5.43 -19.57
C LEU B 159 10.41 -5.85 -18.91
N THR B 160 9.51 -4.89 -18.75
CA THR B 160 8.12 -5.19 -18.42
C THR B 160 7.30 -5.05 -19.70
N ILE B 161 6.51 -6.08 -20.00
CA ILE B 161 5.59 -6.07 -21.14
C ILE B 161 4.20 -5.87 -20.59
N ILE B 162 3.50 -4.86 -21.09
CA ILE B 162 2.12 -4.57 -20.69
C ILE B 162 1.24 -4.95 -21.85
N THR B 163 0.29 -5.86 -21.62
CA THR B 163 -0.62 -6.28 -22.66
C THR B 163 -2.05 -5.91 -22.30
N LEU B 164 -2.77 -5.37 -23.29
CA LEU B 164 -4.20 -5.20 -23.20
C LEU B 164 -4.85 -6.46 -23.78
N GLU B 165 -5.79 -7.06 -23.03
CA GLU B 165 -6.36 -8.35 -23.39
C GLU B 165 -7.87 -8.31 -23.28
N ASP B 166 -8.54 -9.11 -24.10
CA ASP B 166 -9.97 -9.26 -23.91
C ASP B 166 -10.25 -10.23 -22.77
N SER B 167 -11.53 -10.52 -22.54
CA SER B 167 -11.88 -11.31 -21.37
C SER B 167 -11.43 -12.76 -21.49
N SER B 168 -11.14 -13.25 -22.70
CA SER B 168 -10.55 -14.57 -22.89
C SER B 168 -9.04 -14.58 -22.81
N GLY B 169 -8.40 -13.42 -22.69
CA GLY B 169 -6.96 -13.34 -22.72
C GLY B 169 -6.35 -13.11 -24.09
N ASN B 170 -7.16 -12.87 -25.12
CA ASN B 170 -6.63 -12.62 -26.45
C ASN B 170 -6.02 -11.22 -26.51
N LEU B 171 -4.96 -11.09 -27.29
CA LEU B 171 -4.19 -9.85 -27.36
C LEU B 171 -4.98 -8.74 -28.05
N LEU B 172 -5.04 -7.57 -27.40
CA LEU B 172 -5.60 -6.38 -28.02
C LEU B 172 -4.58 -5.27 -28.24
N GLY B 173 -3.51 -5.24 -27.47
CA GLY B 173 -2.49 -4.21 -27.56
C GLY B 173 -1.29 -4.60 -26.70
N ARG B 174 -0.16 -3.99 -27.01
CA ARG B 174 1.08 -4.34 -26.33
C ARG B 174 2.02 -3.14 -26.31
N ASP B 175 2.73 -2.98 -25.19
CA ASP B 175 3.77 -1.97 -25.05
C ASP B 175 4.77 -2.51 -24.05
N SER B 176 5.92 -1.85 -23.90
CA SER B 176 6.95 -2.37 -23.00
C SER B 176 7.92 -1.27 -22.61
N PHE B 177 8.64 -1.52 -21.52
CA PHE B 177 9.67 -0.60 -21.04
C PHE B 177 10.69 -1.38 -20.25
N GLU B 178 11.95 -0.95 -20.31
CA GLU B 178 12.97 -1.53 -19.45
C GLU B 178 12.79 -1.05 -18.02
N VAL B 179 13.24 -1.85 -17.06
CA VAL B 179 13.16 -1.50 -15.65
C VAL B 179 14.51 -1.76 -14.98
N ARG B 180 14.94 -0.81 -14.16
CA ARG B 180 16.02 -1.01 -13.20
C ARG B 180 15.48 -0.71 -11.81
N VAL B 181 15.55 -1.70 -10.91
CA VAL B 181 15.17 -1.51 -9.52
C VAL B 181 16.45 -1.28 -8.74
N CYS B 182 16.55 -0.13 -8.09
CA CYS B 182 17.84 0.31 -7.55
C CYS B 182 17.62 1.25 -6.37
N ALA B 183 18.69 1.48 -5.62
CA ALA B 183 18.59 2.32 -4.42
C ALA B 183 18.42 3.79 -4.75
N CYS B 184 19.03 4.28 -5.84
CA CYS B 184 18.98 5.70 -6.17
C CYS B 184 18.57 5.88 -7.62
N PRO B 185 17.27 5.76 -7.91
CA PRO B 185 16.80 5.89 -9.29
C PRO B 185 17.16 7.22 -9.95
N GLY B 186 17.11 8.32 -9.20
CA GLY B 186 17.41 9.61 -9.81
C GLY B 186 18.85 9.69 -10.29
N ARG B 187 19.78 9.28 -9.42
CA ARG B 187 21.18 9.25 -9.79
C ARG B 187 21.43 8.28 -10.94
N ASP B 188 20.80 7.10 -10.90
CA ASP B 188 21.06 6.12 -11.95
C ASP B 188 20.49 6.56 -13.30
N ARG B 189 19.31 7.19 -13.28
CA ARG B 189 18.79 7.74 -14.53
C ARG B 189 19.71 8.80 -15.09
N ARG B 190 20.18 9.73 -14.24
CA ARG B 190 21.10 10.75 -14.70
C ARG B 190 22.36 10.13 -15.30
N THR B 191 22.92 9.13 -14.62
CA THR B 191 24.14 8.49 -15.10
C THR B 191 23.92 7.81 -16.45
N GLU B 192 22.84 7.02 -16.56
CA GLU B 192 22.63 6.28 -17.81
C GLU B 192 22.27 7.20 -18.96
N GLU B 193 21.56 8.31 -18.68
CA GLU B 193 21.30 9.28 -19.75
C GLU B 193 22.57 10.01 -20.14
N GLU B 194 23.44 10.31 -19.17
CA GLU B 194 24.73 10.91 -19.49
C GLU B 194 25.56 10.00 -20.37
N ASN B 195 25.62 8.71 -20.02
CA ASN B 195 26.29 7.73 -20.86
C ASN B 195 25.72 7.74 -22.28
N LEU B 196 24.40 7.78 -22.39
CA LEU B 196 23.77 7.79 -23.72
C LEU B 196 24.16 9.03 -24.50
N ARG B 197 24.10 10.20 -23.86
CA ARG B 197 24.48 11.44 -24.52
C ARG B 197 25.96 11.43 -24.91
N LYS B 198 26.82 10.93 -24.03
CA LYS B 198 28.23 10.82 -24.37
C LYS B 198 28.43 9.93 -25.59
N LYS B 199 27.80 8.76 -25.59
CA LYS B 199 27.84 7.88 -26.75
C LYS B 199 27.11 8.50 -27.93
C7 KVA C . -19.74 8.04 10.58
C8 KVA C . -20.60 8.84 9.86
C9 KVA C . -21.84 11.71 10.16
O1 KVA C . -24.51 14.70 9.07
C1 KVA C . -24.13 12.48 9.76
C5 KVA C . -21.15 8.98 12.05
C6 KVA C . -20.10 8.14 11.92
C4 KVA C . -22.41 10.43 10.46
C3 KVA C . -23.79 10.18 10.44
C2 KVA C . -24.65 11.22 10.08
N KVA C . -21.45 9.42 10.77
C KVA C . -25.07 13.56 9.37
O KVA C . -26.28 13.38 9.36
C10 KVA C . -22.73 12.73 9.79
F KVA C . -19.49 7.48 12.92
F1 KVA C . -18.74 7.30 10.09
I KVA C . -24.71 8.33 10.95
I1 KVA C . -19.77 12.16 10.35
O2 KVA C . -22.24 13.95 9.44
C1 EDO D . -0.11 5.77 4.31
O1 EDO D . -0.05 7.10 4.84
C2 EDO D . -1.08 4.95 5.15
O2 EDO D . -2.38 5.59 5.13
ZN ZN E . 3.41 -2.99 25.94
C7 KVA F . -7.20 0.81 -20.42
C8 KVA F . -8.03 1.65 -21.09
C9 KVA F . -9.19 4.52 -20.67
O1 KVA F . -11.82 7.63 -21.53
C1 KVA F . -11.48 5.36 -20.94
C5 KVA F . -8.56 1.71 -18.90
C6 KVA F . -7.54 0.84 -19.08
C4 KVA F . -9.79 3.26 -20.39
C3 KVA F . -11.17 3.04 -20.35
C2 KVA F . -12.02 4.10 -20.63
N KVA F . -8.86 2.22 -20.14
C KVA F . -12.41 6.49 -21.23
O KVA F . -13.62 6.35 -21.15
C10 KVA F . -10.07 5.57 -20.97
F KVA F . -6.94 0.12 -18.11
F1 KVA F . -6.22 0.06 -20.96
I KVA F . -12.07 1.17 -19.84
I1 KVA F . -7.10 4.90 -20.58
O2 KVA F . -9.56 6.79 -21.30
C1 GOL G . 20.83 -2.60 -3.98
O1 GOL G . 20.96 -2.02 -2.70
C2 GOL G . 21.63 -1.79 -4.99
O2 GOL G . 22.18 -2.66 -5.96
C3 GOL G . 20.71 -0.81 -5.69
O3 GOL G . 21.41 -0.04 -6.63
ZN ZN H . 15.66 -10.09 -4.22
#